data_2LPT
#
_entry.id   2LPT
#
_entity_poly.entity_id   1
_entity_poly.type   'polyribonucleotide'
_entity_poly.pdbx_seq_one_letter_code
;GAGCCGUGUGCGAUGAAAGUCGCAAGCACGGUUC
;
_entity_poly.pdbx_strand_id   A
#